data_7JNH
#
_entry.id   7JNH
#
_cell.length_a   93.973
_cell.length_b   93.973
_cell.length_c   202.171
_cell.angle_alpha   90.000
_cell.angle_beta   90.000
_cell.angle_gamma   120.000
#
_symmetry.space_group_name_H-M   'P 64 2 2'
#
loop_
_entity.id
_entity.type
_entity.pdbx_description
1 polymer '28-mer poly(A) RNA'
2 polymer 'Core double ENE RNA (Xtal construct) from Oryza sativa transposon,Core double ENE RNA (Xtal construct) from Oryza sativa transposon'
3 non-polymer 'STRONTIUM ION'
4 non-polymer 'COBALT HEXAMMINE(III)'
5 non-polymer SPERMIDINE
6 non-polymer 'MAGNESIUM ION'
7 water water
#
loop_
_entity_poly.entity_id
_entity_poly.type
_entity_poly.pdbx_seq_one_letter_code
_entity_poly.pdbx_strand_id
1 'polyribonucleotide' AAAAAAAAAAAAAAAAAAAAAAAAAAAA A
2 'polyribonucleotide'
;GGGCUGAGUUUUUACAUGACAAAGUUUUUAACGAGGCAGCGGCGAAAGUCGCUGUACUCUUUUCUUUGUCAUGGUUUUCU
CAGCC(CCC)
;
B
#
loop_
_chem_comp.id
_chem_comp.type
_chem_comp.name
_chem_comp.formula
A RNA linking ADENOSINE-5'-MONOPHOSPHATE 'C10 H14 N5 O7 P'
C RNA linking CYTIDINE-5'-MONOPHOSPHATE 'C9 H14 N3 O8 P'
CCC RNA linking 'CYTIDINE-5'-PHOSPHATE-2',3'-CYCLIC PHOSPHATE' 'C9 H13 N3 O10 P2'
G RNA linking GUANOSINE-5'-MONOPHOSPHATE 'C10 H14 N5 O8 P'
MG non-polymer 'MAGNESIUM ION' 'Mg 2'
NCO non-polymer 'COBALT HEXAMMINE(III)' 'Co H18 N6 3'
SPD non-polymer SPERMIDINE 'C7 H19 N3'
SR non-polymer 'STRONTIUM ION' 'Sr 2'
U RNA linking URIDINE-5'-MONOPHOSPHATE 'C9 H13 N2 O9 P'
#
# COMPACT_ATOMS: atom_id res chain seq x y z
PC CCC B 86 -26.18 9.60 41.37
O1C CCC B 86 -25.41 8.34 42.16
O2C CCC B 86 -27.53 10.23 42.14
P CCC B 86 -27.98 14.64 37.30
OP1 CCC B 86 -29.57 15.09 37.60
OP2 CCC B 86 -26.90 15.75 37.92
O5' CCC B 86 -27.23 13.17 37.79
C5' CCC B 86 -27.94 11.96 37.43
C4' CCC B 86 -26.87 10.97 37.79
O4' CCC B 86 -25.56 11.45 37.41
C3' CCC B 86 -26.70 10.66 39.23
O3' CCC B 86 -26.52 9.30 39.69
C2' CCC B 86 -25.54 11.40 39.67
O2' CCC B 86 -25.05 10.83 40.91
C1' CCC B 86 -24.64 11.24 38.49
N1 CCC B 86 -23.49 12.18 38.55
C2 CCC B 86 -22.19 11.74 38.93
O2 CCC B 86 -21.98 10.55 39.21
N3 CCC B 86 -21.13 12.59 39.00
C4 CCC B 86 -21.30 13.90 38.70
N4 CCC B 86 -20.25 14.77 38.77
C5 CCC B 86 -22.57 14.36 38.33
C6 CCC B 86 -23.67 13.48 38.26
SR SR C . -18.01 23.29 11.66
SR SR D . -12.16 -4.46 6.38
SR SR E . -1.21 20.05 23.13
CO NCO F . 9.08 -12.38 2.32
N1 NCO F . 10.93 -11.71 2.11
N2 NCO F . 7.20 -12.99 2.38
N3 NCO F . 9.75 -14.23 2.50
N4 NCO F . 9.02 -12.47 0.35
N5 NCO F . 8.37 -10.55 2.13
N6 NCO F . 9.18 -12.19 4.29
SR SR G . -12.55 18.75 7.86
SR SR H . -15.24 8.69 24.16
SR SR I . 9.20 0.15 -14.82
CO NCO J . 25.00 -25.11 -46.37
N1 NCO J . 26.60 -25.69 -47.37
N2 NCO J . 23.35 -24.51 -45.44
N3 NCO J . 25.92 -25.88 -44.79
N4 NCO J . 24.12 -26.84 -46.74
N5 NCO J . 24.20 -24.35 -48.04
N6 NCO J . 25.80 -23.35 -45.90
CO NCO K . -13.90 13.81 35.36
N1 NCO K . -12.71 12.77 36.55
N2 NCO K . -15.09 14.86 34.14
N3 NCO K . -15.19 14.01 36.86
N4 NCO K . -14.77 12.12 34.82
N5 NCO K . -12.60 13.56 33.88
N6 NCO K . -13.05 15.53 35.87
CO NCO L . -2.78 11.71 8.59
N1 NCO L . -0.92 12.32 8.37
N2 NCO L . -4.64 11.03 8.81
N3 NCO L . -2.45 10.85 10.38
N4 NCO L . -2.33 10.06 7.58
N5 NCO L . -3.19 12.59 6.84
N6 NCO L . -3.18 13.38 9.57
CO NCO M . -7.36 18.72 -0.67
N1 NCO M . -6.40 17.97 -2.23
N2 NCO M . -8.30 19.42 0.93
N3 NCO M . -7.04 17.04 0.33
N4 NCO M . -9.00 17.98 -1.50
N5 NCO M . -7.69 20.37 -1.75
N6 NCO M . -5.77 19.58 0.15
CO NCO N . -13.59 12.51 15.65
N1 NCO N . -11.72 12.32 16.31
N2 NCO N . -15.45 12.74 15.03
N3 NCO N . -14.36 11.21 16.96
N4 NCO N . -13.25 11.01 14.40
N5 NCO N . -12.87 13.83 14.37
N6 NCO N . -13.90 13.99 16.94
CO NCO O . 6.04 -23.04 -31.15
N1 NCO O . 7.99 -23.45 -31.27
N2 NCO O . 4.13 -22.58 -31.17
N3 NCO O . 6.31 -22.77 -29.20
N4 NCO O . 5.49 -24.86 -30.63
N5 NCO O . 5.83 -23.41 -33.09
N6 NCO O . 6.48 -21.15 -31.65
CO NCO P . 11.49 -18.59 -18.93
N1 NCO P . 13.38 -18.05 -19.26
N2 NCO P . 9.57 -19.04 -18.67
N3 NCO P . 11.72 -18.39 -16.96
N4 NCO P . 11.93 -20.50 -18.58
N5 NCO P . 11.14 -18.82 -20.88
N6 NCO P . 11.03 -16.66 -19.16
CO NCO Q . 13.51 -9.04 -12.94
N1 NCO Q . 14.44 -10.03 -14.37
N2 NCO Q . 12.64 -8.00 -11.47
N3 NCO Q . 15.21 -8.22 -12.34
N4 NCO Q . 13.66 -10.54 -11.66
N5 NCO Q . 11.74 -9.78 -13.48
N6 NCO Q . 13.31 -7.57 -14.29
CO NCO R . 4.62 0.42 -1.18
N1 NCO R . 5.60 0.20 -2.88
N2 NCO R . 3.72 0.66 0.59
N3 NCO R . 6.10 1.62 -0.60
N4 NCO R . 5.60 -1.09 -0.32
N5 NCO R . 3.20 -0.78 -1.83
N6 NCO R . 3.59 1.91 -2.00
CO NCO S . 28.04 -26.82 -53.15
N1 NCO S . 29.90 -26.17 -53.42
N2 NCO S . 26.23 -27.55 -52.87
N3 NCO S . 28.46 -26.95 -51.22
N4 NCO S . 28.71 -28.69 -53.39
N5 NCO S . 27.62 -26.61 -55.10
N6 NCO S . 27.43 -24.94 -52.95
CO NCO T . 17.43 -17.00 -32.28
N1 NCO T . 19.21 -17.60 -32.94
N2 NCO T . 15.68 -16.41 -31.55
N3 NCO T . 17.64 -18.36 -30.86
N4 NCO T . 16.50 -18.39 -33.35
N5 NCO T . 17.19 -15.72 -33.78
N6 NCO T . 18.36 -15.62 -31.19
N1 SPD U . 6.38 23.00 -0.02
C2 SPD U . 6.17 22.12 1.13
C3 SPD U . 4.72 21.73 1.38
C4 SPD U . 4.56 20.38 2.06
C5 SPD U . 4.68 20.46 3.57
N6 SPD U . 5.10 19.18 4.16
C7 SPD U . 6.52 18.85 4.03
C8 SPD U . 7.06 18.16 5.27
C9 SPD U . 6.18 17.04 5.79
N10 SPD U . 6.88 16.18 6.74
MG MG V . 20.73 -7.09 -43.69
MG MG W . -0.20 -2.33 -7.90
MG MG X . 4.50 -8.98 5.90
#